data_6RIO
#
_entry.id   6RIO
#
loop_
_entity.id
_entity.type
_entity.pdbx_description
1 polymer "DNA (5'-(*(DC5)P*GP*AP*TP*GP*TP*AP*CP*AP*TP*CP*(DG3))-3')"
2 non-polymer 3-[3-[[4-[[4-[[4-[[4-[[(2~{R})-2-azaniumyl-4-[[1-methyl-4-[[1-methyl-4-[[1-methyl-4-[(1-methylimidazol-2-yl)carbonylamino]pyrrol-2-yl]carbonylamino]pyrrol-2-yl]carbonylamino]pyrrol-2-yl]carbonylamino]butanoyl]amino]-1-methyl-imidazol-2-yl]carbonylamino]-1-methyl-pyrrol-2-yl]carbonylamino]-1-methyl-pyrrol-2-yl]carbonylamino]-1-methyl-pyrrol-2-yl]carbonylamino]propanoylamino]propyl-dimethyl-azanium
#
_entity_poly.entity_id   1
_entity_poly.type   'polydeoxyribonucleotide'
_entity_poly.pdbx_seq_one_letter_code
;(DCZ)(DG)(DA)(DT)(DG)(DT)(DA)(DC)(DA)(DT)(DC)(DG)
;
_entity_poly.pdbx_strand_id   A,B
#